data_6Q08
#
_entry.id   6Q08
#
_entity_poly.entity_id   1
_entity_poly.type   'polypeptide(L)'
_entity_poly.pdbx_seq_one_letter_code
;INWLKLGKKIIASL(NH2)
;
_entity_poly.pdbx_strand_id   A
#
loop_
_chem_comp.id
_chem_comp.type
_chem_comp.name
_chem_comp.formula
NH2 non-polymer 'AMINO GROUP' 'H2 N'
#
# COMPACT_ATOMS: atom_id res chain seq x y z
N ILE A 1 1.01 -11.00 0.76
CA ILE A 1 0.41 -10.30 -0.40
C ILE A 1 0.18 -8.84 -0.01
N ASN A 2 -0.42 -8.08 -0.93
CA ASN A 2 -0.72 -6.68 -0.69
C ASN A 2 -1.88 -6.25 -1.57
N TRP A 3 -2.99 -5.85 -0.96
CA TRP A 3 -4.15 -5.42 -1.72
C TRP A 3 -4.14 -3.92 -1.98
N LEU A 4 -5.00 -3.48 -2.89
CA LEU A 4 -5.11 -2.06 -3.23
C LEU A 4 -5.03 -1.19 -1.97
N LYS A 5 -5.71 -1.64 -0.92
CA LYS A 5 -5.73 -0.89 0.32
C LYS A 5 -4.38 -0.99 1.02
N LEU A 6 -3.84 -2.20 1.10
CA LEU A 6 -2.55 -2.40 1.75
C LEU A 6 -1.49 -1.59 1.03
N GLY A 7 -1.61 -1.52 -0.29
CA GLY A 7 -0.67 -0.77 -1.10
C GLY A 7 -0.62 0.71 -0.71
N LYS A 8 -1.78 1.28 -0.37
CA LYS A 8 -1.83 2.68 0.01
C LYS A 8 -0.88 2.97 1.16
N LYS A 9 -0.82 2.05 2.10
CA LYS A 9 0.07 2.20 3.24
C LYS A 9 1.50 2.22 2.76
N ILE A 10 1.77 1.43 1.73
CA ILE A 10 3.11 1.36 1.18
C ILE A 10 3.37 2.59 0.32
N ILE A 11 2.36 3.02 -0.42
CA ILE A 11 2.50 4.19 -1.26
C ILE A 11 2.63 5.41 -0.36
N ALA A 12 2.05 5.29 0.83
CA ALA A 12 2.10 6.37 1.80
C ALA A 12 3.44 6.33 2.52
N SER A 13 3.97 5.12 2.68
CA SER A 13 5.26 4.95 3.34
C SER A 13 6.37 5.59 2.50
N LEU A 14 6.33 6.91 2.39
CA LEU A 14 7.33 7.63 1.61
C LEU A 14 7.41 7.07 0.20
N ILE A 1 -3.81 -12.68 -1.79
CA ILE A 1 -2.56 -11.89 -1.56
C ILE A 1 -2.92 -10.68 -0.69
N ASN A 2 -2.01 -9.72 -0.63
CA ASN A 2 -2.24 -8.52 0.15
C ASN A 2 -3.48 -7.80 -0.36
N TRP A 3 -4.18 -7.11 0.54
CA TRP A 3 -5.38 -6.38 0.16
C TRP A 3 -5.00 -5.07 -0.50
N LEU A 4 -5.62 -4.81 -1.66
CA LEU A 4 -5.35 -3.58 -2.42
C LEU A 4 -5.04 -2.42 -1.49
N LYS A 5 -5.83 -2.31 -0.44
CA LYS A 5 -5.68 -1.24 0.54
C LYS A 5 -4.25 -1.15 1.06
N LEU A 6 -3.60 -2.29 1.24
CA LEU A 6 -2.24 -2.30 1.73
C LEU A 6 -1.37 -1.35 0.93
N GLY A 7 -1.50 -1.43 -0.38
CA GLY A 7 -0.72 -0.59 -1.28
C GLY A 7 -0.72 0.87 -0.83
N LYS A 8 -1.87 1.34 -0.36
CA LYS A 8 -1.98 2.73 0.08
C LYS A 8 -1.07 2.96 1.26
N LYS A 9 -1.00 1.99 2.17
CA LYS A 9 -0.15 2.11 3.33
C LYS A 9 1.32 2.08 2.93
N ILE A 10 1.60 1.46 1.79
CA ILE A 10 2.97 1.38 1.31
C ILE A 10 3.31 2.56 0.42
N ILE A 11 2.36 2.96 -0.42
CA ILE A 11 2.58 4.09 -1.31
C ILE A 11 2.80 5.34 -0.47
N ALA A 12 2.17 5.34 0.68
CA ALA A 12 2.28 6.45 1.62
C ALA A 12 3.56 6.34 2.44
N SER A 13 3.99 5.11 2.69
CA SER A 13 5.21 4.90 3.47
C SER A 13 6.43 4.73 2.57
N LEU A 14 6.73 5.74 1.78
CA LEU A 14 7.90 5.69 0.89
C LEU A 14 7.83 4.48 -0.05
N ILE A 1 -1.13 -10.24 -6.39
CA ILE A 1 -0.92 -8.79 -6.60
C ILE A 1 -1.10 -8.07 -5.26
N ASN A 2 -0.72 -6.79 -5.22
CA ASN A 2 -0.87 -6.01 -4.01
C ASN A 2 -2.33 -5.81 -3.69
N TRP A 3 -2.65 -5.57 -2.43
CA TRP A 3 -4.03 -5.38 -2.01
C TRP A 3 -4.44 -3.91 -2.11
N LEU A 4 -5.67 -3.70 -2.60
CA LEU A 4 -6.25 -2.36 -2.80
C LEU A 4 -5.86 -1.36 -1.71
N LYS A 5 -5.91 -1.77 -0.44
CA LYS A 5 -5.60 -0.87 0.66
C LYS A 5 -4.23 -1.19 1.30
N LEU A 6 -3.99 -2.46 1.58
CA LEU A 6 -2.74 -2.86 2.21
C LEU A 6 -1.53 -2.33 1.45
N GLY A 7 -1.66 -2.22 0.14
CA GLY A 7 -0.56 -1.74 -0.68
C GLY A 7 -0.45 -0.22 -0.68
N LYS A 8 -1.55 0.47 -0.37
CA LYS A 8 -1.54 1.93 -0.36
C LYS A 8 -0.66 2.47 0.75
N LYS A 9 -0.71 1.83 1.92
CA LYS A 9 0.10 2.29 3.05
C LYS A 9 1.52 2.55 2.60
N ILE A 10 2.02 1.68 1.75
CA ILE A 10 3.37 1.78 1.26
C ILE A 10 3.53 3.03 0.40
N ILE A 11 2.50 3.35 -0.36
CA ILE A 11 2.55 4.53 -1.20
C ILE A 11 2.57 5.75 -0.32
N ALA A 12 1.96 5.61 0.86
CA ALA A 12 1.93 6.68 1.82
C ALA A 12 3.25 6.69 2.57
N SER A 13 3.80 5.51 2.75
CA SER A 13 5.08 5.37 3.42
C SER A 13 6.19 5.90 2.51
N LEU A 14 6.12 7.20 2.22
CA LEU A 14 7.11 7.83 1.35
C LEU A 14 7.10 7.18 -0.02
N ILE A 1 2.46 -10.28 -2.88
CA ILE A 1 2.02 -9.15 -3.72
C ILE A 1 1.53 -8.03 -2.81
N ASN A 2 1.23 -6.88 -3.41
CA ASN A 2 0.72 -5.75 -2.64
C ASN A 2 -0.79 -5.89 -2.53
N TRP A 3 -1.34 -5.63 -1.34
CA TRP A 3 -2.78 -5.76 -1.14
C TRP A 3 -3.50 -4.44 -1.39
N LEU A 4 -4.66 -4.55 -2.02
CA LEU A 4 -5.49 -3.39 -2.38
C LEU A 4 -5.42 -2.28 -1.34
N LYS A 5 -5.46 -2.65 -0.06
CA LYS A 5 -5.43 -1.66 1.01
C LYS A 5 -4.00 -1.26 1.35
N LEU A 6 -3.13 -2.26 1.50
CA LEU A 6 -1.74 -1.98 1.82
C LEU A 6 -1.14 -1.05 0.78
N GLY A 7 -1.42 -1.34 -0.48
CA GLY A 7 -0.90 -0.53 -1.57
C GLY A 7 -0.92 0.95 -1.22
N LYS A 8 -1.99 1.39 -0.57
CA LYS A 8 -2.11 2.80 -0.19
C LYS A 8 -1.21 3.12 0.99
N LYS A 9 -1.14 2.21 1.95
CA LYS A 9 -0.31 2.41 3.12
C LYS A 9 1.16 2.31 2.73
N ILE A 10 1.47 1.37 1.85
CA ILE A 10 2.84 1.16 1.42
C ILE A 10 3.30 2.32 0.54
N ILE A 11 2.41 2.82 -0.31
CA ILE A 11 2.77 3.94 -1.15
C ILE A 11 2.92 5.17 -0.27
N ALA A 12 2.18 5.16 0.83
CA ALA A 12 2.23 6.25 1.79
C ALA A 12 3.40 6.06 2.74
N SER A 13 3.70 4.79 3.04
CA SER A 13 4.80 4.50 3.96
C SER A 13 6.15 4.67 3.28
N LEU A 14 6.46 5.90 2.87
CA LEU A 14 7.73 6.19 2.22
C LEU A 14 7.93 5.35 0.96
N ILE A 1 0.73 -9.98 -6.79
CA ILE A 1 -0.65 -9.51 -6.50
C ILE A 1 -0.58 -8.03 -6.15
N ASN A 2 -1.64 -7.52 -5.53
CA ASN A 2 -1.70 -6.12 -5.14
C ASN A 2 -2.69 -5.95 -4.00
N TRP A 3 -2.22 -5.41 -2.88
CA TRP A 3 -3.08 -5.22 -1.72
C TRP A 3 -3.94 -3.99 -1.91
N LEU A 4 -5.23 -4.24 -2.14
CA LEU A 4 -6.20 -3.18 -2.37
C LEU A 4 -6.03 -2.00 -1.41
N LYS A 5 -5.83 -2.29 -0.13
CA LYS A 5 -5.67 -1.21 0.85
C LYS A 5 -4.22 -1.08 1.30
N LEU A 6 -3.61 -2.21 1.65
CA LEU A 6 -2.22 -2.19 2.10
C LEU A 6 -1.34 -1.57 1.04
N GLY A 7 -1.60 -1.91 -0.20
CA GLY A 7 -0.82 -1.40 -1.32
C GLY A 7 -0.69 0.13 -1.25
N LYS A 8 -1.62 0.78 -0.56
CA LYS A 8 -1.57 2.23 -0.46
C LYS A 8 -0.73 2.68 0.73
N LYS A 9 -0.85 1.95 1.82
CA LYS A 9 -0.08 2.28 3.02
C LYS A 9 1.39 2.40 2.66
N ILE A 10 1.82 1.51 1.78
CA ILE A 10 3.20 1.50 1.34
C ILE A 10 3.48 2.74 0.50
N ILE A 11 2.50 3.12 -0.32
CA ILE A 11 2.64 4.31 -1.14
C ILE A 11 2.69 5.51 -0.21
N ALA A 12 2.03 5.36 0.93
CA ALA A 12 2.00 6.40 1.95
C ALA A 12 3.28 6.32 2.75
N SER A 13 3.77 5.10 2.94
CA SER A 13 5.01 4.90 3.69
C SER A 13 6.19 5.34 2.84
N LEU A 14 6.17 6.62 2.45
CA LEU A 14 7.23 7.19 1.63
C LEU A 14 7.32 6.44 0.29
N ILE A 1 -0.49 -12.07 1.30
CA ILE A 1 -0.19 -11.33 0.04
C ILE A 1 -0.51 -9.85 0.23
N ASN A 2 -0.48 -9.09 -0.86
CA ASN A 2 -0.79 -7.67 -0.78
C ASN A 2 -2.20 -7.42 -1.28
N TRP A 3 -2.98 -6.68 -0.51
CA TRP A 3 -4.36 -6.39 -0.90
C TRP A 3 -4.47 -5.02 -1.56
N LEU A 4 -5.72 -4.63 -1.84
CA LEU A 4 -6.01 -3.35 -2.49
C LEU A 4 -5.63 -2.17 -1.61
N LYS A 5 -5.96 -2.25 -0.33
CA LYS A 5 -5.70 -1.16 0.59
C LYS A 5 -4.29 -1.26 1.17
N LEU A 6 -3.86 -2.47 1.43
CA LEU A 6 -2.53 -2.71 1.99
C LEU A 6 -1.44 -1.93 1.25
N GLY A 7 -1.48 -1.98 -0.07
CA GLY A 7 -0.47 -1.30 -0.89
C GLY A 7 -0.49 0.23 -0.71
N LYS A 8 -1.67 0.80 -0.52
CA LYS A 8 -1.78 2.25 -0.37
C LYS A 8 -0.89 2.74 0.76
N LYS A 9 -0.86 1.98 1.83
CA LYS A 9 -0.06 2.34 2.99
C LYS A 9 1.41 2.48 2.59
N ILE A 10 1.84 1.68 1.64
CA ILE A 10 3.21 1.72 1.19
C ILE A 10 3.46 2.97 0.37
N ILE A 11 2.46 3.38 -0.42
CA ILE A 11 2.60 4.59 -1.21
C ILE A 11 2.84 5.75 -0.26
N ALA A 12 2.23 5.62 0.91
CA ALA A 12 2.35 6.63 1.95
C ALA A 12 3.60 6.39 2.77
N SER A 13 3.97 5.12 2.94
CA SER A 13 5.15 4.75 3.72
C SER A 13 6.39 4.73 2.85
N LEU A 14 6.83 5.91 2.41
CA LEU A 14 8.03 6.03 1.58
C LEU A 14 7.91 5.19 0.30
N ILE A 1 1.73 -9.51 -5.12
CA ILE A 1 1.72 -8.03 -5.10
C ILE A 1 0.90 -7.59 -3.89
N ASN A 2 0.98 -6.30 -3.56
CA ASN A 2 0.24 -5.77 -2.42
C ASN A 2 -1.22 -5.56 -2.79
N TRP A 3 -2.10 -5.60 -1.79
CA TRP A 3 -3.52 -5.41 -2.04
C TRP A 3 -3.87 -3.94 -2.22
N LEU A 4 -4.92 -3.69 -2.99
CA LEU A 4 -5.36 -2.32 -3.28
C LEU A 4 -5.28 -1.42 -2.05
N LYS A 5 -5.68 -1.94 -0.90
CA LYS A 5 -5.67 -1.16 0.32
C LYS A 5 -4.30 -1.17 0.97
N LEU A 6 -3.70 -2.36 1.10
CA LEU A 6 -2.39 -2.47 1.70
C LEU A 6 -1.43 -1.52 0.99
N GLY A 7 -1.48 -1.52 -0.33
CA GLY A 7 -0.61 -0.68 -1.12
C GLY A 7 -0.68 0.79 -0.69
N LYS A 8 -1.87 1.26 -0.36
CA LYS A 8 -2.03 2.67 0.05
C LYS A 8 -1.09 3.01 1.19
N LYS A 9 -0.96 2.08 2.11
CA LYS A 9 -0.07 2.29 3.26
C LYS A 9 1.37 2.32 2.79
N ILE A 10 1.66 1.49 1.81
CA ILE A 10 3.01 1.42 1.25
C ILE A 10 3.28 2.61 0.36
N ILE A 11 2.26 3.05 -0.35
CA ILE A 11 2.40 4.18 -1.24
C ILE A 11 2.71 5.41 -0.39
N ALA A 12 2.19 5.40 0.82
CA ALA A 12 2.40 6.50 1.75
C ALA A 12 3.74 6.33 2.45
N SER A 13 4.13 5.08 2.71
CA SER A 13 5.40 4.81 3.37
C SER A 13 6.55 5.06 2.41
N LEU A 14 6.70 6.31 1.99
CA LEU A 14 7.77 6.70 1.07
C LEU A 14 7.58 6.03 -0.30
N ILE A 1 -1.51 -10.43 -4.49
CA ILE A 1 -0.46 -9.98 -3.54
C ILE A 1 -0.99 -8.78 -2.78
N ASN A 2 -0.15 -7.76 -2.59
CA ASN A 2 -0.57 -6.56 -1.87
C ASN A 2 -1.99 -6.16 -2.29
N TRP A 3 -2.82 -5.82 -1.32
CA TRP A 3 -4.20 -5.45 -1.60
C TRP A 3 -4.31 -3.95 -1.89
N LEU A 4 -5.26 -3.60 -2.74
CA LEU A 4 -5.47 -2.20 -3.12
C LEU A 4 -5.39 -1.27 -1.91
N LYS A 5 -5.80 -1.77 -0.75
CA LYS A 5 -5.78 -0.96 0.46
C LYS A 5 -4.42 -1.04 1.13
N LEU A 6 -3.89 -2.25 1.22
CA LEU A 6 -2.60 -2.46 1.84
C LEU A 6 -1.52 -1.69 1.09
N GLY A 7 -1.62 -1.67 -0.24
CA GLY A 7 -0.66 -0.97 -1.06
C GLY A 7 -0.60 0.51 -0.73
N LYS A 8 -1.75 1.09 -0.40
CA LYS A 8 -1.81 2.50 -0.08
C LYS A 8 -0.88 2.84 1.07
N LYS A 9 -0.83 1.97 2.06
CA LYS A 9 0.05 2.21 3.19
C LYS A 9 1.47 2.31 2.69
N ILE A 10 1.77 1.49 1.69
CA ILE A 10 3.09 1.47 1.11
C ILE A 10 3.32 2.72 0.29
N ILE A 11 2.29 3.16 -0.42
CA ILE A 11 2.41 4.35 -1.23
C ILE A 11 2.64 5.54 -0.31
N ALA A 12 2.07 5.43 0.89
CA ALA A 12 2.22 6.47 1.89
C ALA A 12 3.56 6.31 2.59
N SER A 13 4.00 5.07 2.70
CA SER A 13 5.28 4.77 3.32
C SER A 13 6.42 5.25 2.42
N LEU A 14 6.49 6.57 2.23
CA LEU A 14 7.52 7.17 1.39
C LEU A 14 7.28 6.80 -0.08
N ILE A 1 2.24 -9.07 -5.29
CA ILE A 1 1.77 -7.83 -5.95
C ILE A 1 1.37 -6.83 -4.87
N ASN A 2 1.24 -5.57 -5.26
CA ASN A 2 0.82 -4.54 -4.31
C ASN A 2 -0.68 -4.61 -4.12
N TRP A 3 -1.12 -4.80 -2.88
CA TRP A 3 -2.56 -4.91 -2.60
C TRP A 3 -3.23 -3.54 -2.57
N LEU A 4 -4.43 -3.49 -3.16
CA LEU A 4 -5.22 -2.27 -3.23
C LEU A 4 -5.34 -1.56 -1.89
N LYS A 5 -5.35 -2.32 -0.82
CA LYS A 5 -5.51 -1.74 0.51
C LYS A 5 -4.18 -1.46 1.16
N LEU A 6 -3.26 -2.42 1.12
CA LEU A 6 -1.96 -2.21 1.71
C LEU A 6 -1.20 -1.16 0.91
N GLY A 7 -1.37 -1.22 -0.40
CA GLY A 7 -0.71 -0.28 -1.29
C GLY A 7 -0.85 1.16 -0.79
N LYS A 8 -2.05 1.53 -0.37
CA LYS A 8 -2.27 2.88 0.15
C LYS A 8 -1.36 3.16 1.33
N LYS A 9 -1.14 2.16 2.16
CA LYS A 9 -0.27 2.32 3.31
C LYS A 9 1.19 2.26 2.88
N ILE A 10 1.46 1.42 1.89
CA ILE A 10 2.83 1.25 1.41
C ILE A 10 3.20 2.39 0.45
N ILE A 11 2.26 2.82 -0.38
CA ILE A 11 2.54 3.92 -1.30
C ILE A 11 2.84 5.16 -0.48
N ALA A 12 2.27 5.19 0.71
CA ALA A 12 2.49 6.29 1.61
C ALA A 12 3.81 6.07 2.33
N SER A 13 4.15 4.80 2.54
CA SER A 13 5.38 4.43 3.19
C SER A 13 6.47 4.15 2.15
N LEU A 14 6.80 5.18 1.38
CA LEU A 14 7.84 5.07 0.34
C LEU A 14 7.41 4.13 -0.79
N ILE A 1 -1.19 -7.89 -7.30
CA ILE A 1 0.13 -7.68 -6.64
C ILE A 1 -0.11 -7.05 -5.27
N ASN A 2 -0.59 -5.81 -5.27
CA ASN A 2 -0.86 -5.10 -4.02
C ASN A 2 -2.36 -4.92 -3.86
N TRP A 3 -2.84 -5.00 -2.63
CA TRP A 3 -4.27 -4.85 -2.38
C TRP A 3 -4.65 -3.37 -2.34
N LEU A 4 -5.80 -3.08 -2.94
CA LEU A 4 -6.34 -1.72 -3.03
C LEU A 4 -6.03 -0.87 -1.79
N LYS A 5 -6.09 -1.48 -0.61
CA LYS A 5 -5.85 -0.72 0.61
C LYS A 5 -4.43 -0.91 1.15
N LEU A 6 -3.99 -2.16 1.22
CA LEU A 6 -2.66 -2.45 1.73
C LEU A 6 -1.60 -1.65 0.98
N GLY A 7 -1.69 -1.62 -0.34
CA GLY A 7 -0.72 -0.91 -1.15
C GLY A 7 -0.63 0.58 -0.78
N LYS A 8 -1.74 1.17 -0.41
CA LYS A 8 -1.76 2.59 -0.07
C LYS A 8 -0.81 2.89 1.09
N LYS A 9 -0.77 1.99 2.05
CA LYS A 9 0.11 2.16 3.20
C LYS A 9 1.55 2.19 2.73
N ILE A 10 1.83 1.46 1.68
CA ILE A 10 3.18 1.42 1.15
C ILE A 10 3.46 2.65 0.33
N ILE A 11 2.47 3.10 -0.44
CA ILE A 11 2.64 4.29 -1.25
C ILE A 11 2.70 5.50 -0.33
N ALA A 12 2.04 5.37 0.82
CA ALA A 12 2.02 6.44 1.80
C ALA A 12 3.31 6.42 2.61
N SER A 13 3.85 5.21 2.81
CA SER A 13 5.10 5.06 3.56
C SER A 13 6.29 5.10 2.61
N LEU A 14 6.56 6.28 2.06
CA LEU A 14 7.67 6.45 1.13
C LEU A 14 7.43 5.66 -0.14
#